data_8ALM
#
_entry.id   8ALM
#
_cell.length_a   56.639
_cell.length_b   56.639
_cell.length_c   134.532
_cell.angle_alpha   90.00
_cell.angle_beta   90.00
_cell.angle_gamma   90.00
#
_symmetry.space_group_name_H-M   'P 41 21 2'
#
loop_
_entity.id
_entity.type
_entity.pdbx_description
1 polymer 'Neuronal calcium sensor 1'
2 polymer Synembryn-A
3 non-polymer 'CALCIUM ION'
4 non-polymer 'SODIUM ION'
5 non-polymer 'PENTAETHYLENE GLYCOL'
6 non-polymer GLYCEROL
7 non-polymer 'CHLORIDE ION'
8 water water
#
loop_
_entity_poly.entity_id
_entity_poly.type
_entity_poly.pdbx_seq_one_letter_code
_entity_poly.pdbx_strand_id
1 'polypeptide(L)'
;MGKSNSKLKPEVVEELTRKTYFTEKEVQQWYKGFIKDCPSGQLDAAGFQKIYKQFFPFGDPTKFATFVFNVFDENKDGRI
EFSEFIQALSVTSRGTLDEKLRWAFKLYDLDNDGYITRNEMLDIVDAIYQMVGNTVELPEEENTPEKRVDRIFAMMDKNA
DGKLTLQEFQEGSKADP
;
B
2 'polypeptide(L)' SESVPRFIKYTGYGNAAGLLAARGLMAGGRPEG P
#
# COMPACT_ATOMS: atom_id res chain seq x y z
N SER A 6 -23.27 4.53 -14.91
CA SER A 6 -22.30 3.59 -14.35
C SER A 6 -22.77 2.14 -14.45
N LYS A 7 -22.77 1.63 -15.67
CA LYS A 7 -23.17 0.25 -15.95
C LYS A 7 -21.95 -0.52 -16.44
N LEU A 8 -21.57 -1.54 -15.67
CA LEU A 8 -20.45 -2.42 -15.98
C LEU A 8 -20.96 -3.58 -16.82
N LYS A 9 -20.27 -3.88 -17.91
CA LYS A 9 -20.66 -4.97 -18.80
C LYS A 9 -20.62 -6.29 -18.04
N PRO A 10 -21.65 -7.14 -18.16
CA PRO A 10 -21.69 -8.37 -17.34
C PRO A 10 -20.42 -9.18 -17.42
N GLU A 11 -19.81 -9.30 -18.62
CA GLU A 11 -18.60 -10.14 -18.75
C GLU A 11 -17.44 -9.61 -17.93
N VAL A 12 -17.40 -8.29 -17.78
CA VAL A 12 -16.34 -7.63 -17.03
C VAL A 12 -16.58 -7.84 -15.53
N VAL A 13 -17.84 -7.72 -15.10
CA VAL A 13 -18.20 -7.92 -13.70
C VAL A 13 -17.80 -9.34 -13.27
N GLU A 14 -18.14 -10.30 -14.13
CA GLU A 14 -17.88 -11.71 -13.82
C GLU A 14 -16.38 -11.99 -13.74
N GLU A 15 -15.61 -11.40 -14.67
CA GLU A 15 -14.15 -11.63 -14.70
C GLU A 15 -13.45 -11.02 -13.50
N LEU A 16 -13.95 -9.86 -13.06
CA LEU A 16 -13.35 -9.13 -11.93
C LEU A 16 -13.80 -9.71 -10.60
N THR A 17 -15.01 -10.27 -10.62
CA THR A 17 -15.43 -11.14 -9.53
C THR A 17 -14.47 -12.27 -9.34
N ARG A 18 -14.30 -13.06 -10.41
CA ARG A 18 -13.46 -14.24 -10.36
C ARG A 18 -12.05 -13.91 -9.91
N LYS A 19 -11.51 -12.79 -10.36
CA LYS A 19 -10.11 -12.46 -10.06
C LYS A 19 -9.89 -11.85 -8.66
N THR A 20 -10.94 -11.64 -7.88
CA THR A 20 -10.84 -10.95 -6.60
C THR A 20 -11.50 -11.76 -5.49
N TYR A 21 -11.46 -11.19 -4.28
CA TYR A 21 -12.18 -11.76 -3.15
C TYR A 21 -13.57 -11.17 -2.97
N PHE A 22 -14.03 -10.38 -3.91
CA PHE A 22 -15.34 -9.75 -3.84
C PHE A 22 -16.40 -10.59 -4.52
N THR A 23 -17.63 -10.52 -3.99
CA THR A 23 -18.78 -11.10 -4.66
C THR A 23 -19.18 -10.20 -5.83
N GLU A 24 -20.00 -10.74 -6.73
CA GLU A 24 -20.46 -9.94 -7.86
C GLU A 24 -21.13 -8.66 -7.38
N LYS A 25 -21.97 -8.76 -6.35
CA LYS A 25 -22.63 -7.58 -5.78
C LYS A 25 -21.62 -6.55 -5.29
N GLU A 26 -20.56 -7.01 -4.62
CA GLU A 26 -19.58 -6.09 -4.08
C GLU A 26 -18.82 -5.40 -5.20
N VAL A 27 -18.52 -6.13 -6.27
CA VAL A 27 -17.80 -5.54 -7.39
C VAL A 27 -18.61 -4.42 -7.99
N GLN A 28 -19.90 -4.67 -8.22
CA GLN A 28 -20.78 -3.61 -8.74
C GLN A 28 -20.94 -2.45 -7.77
N GLN A 29 -21.01 -2.71 -6.46
CA GLN A 29 -21.08 -1.62 -5.50
C GLN A 29 -19.81 -0.76 -5.53
N TRP A 30 -18.64 -1.41 -5.54
CA TRP A 30 -17.38 -0.67 -5.65
C TRP A 30 -17.34 0.12 -6.94
N TYR A 31 -17.89 -0.41 -8.02
CA TYR A 31 -17.84 0.33 -9.28
C TYR A 31 -18.72 1.58 -9.21
N LYS A 32 -19.93 1.43 -8.65
CA LYS A 32 -20.82 2.57 -8.52
C LYS A 32 -20.18 3.69 -7.71
N GLY A 33 -19.54 3.34 -6.59
CA GLY A 33 -18.87 4.35 -5.79
C GLY A 33 -17.64 4.94 -6.48
N PHE A 34 -16.87 4.08 -7.15
CA PHE A 34 -15.70 4.53 -7.90
C PHE A 34 -16.09 5.51 -9.00
N ILE A 35 -17.15 5.18 -9.76
CA ILE A 35 -17.58 6.05 -10.86
C ILE A 35 -18.24 7.31 -10.31
N LYS A 36 -18.90 7.22 -9.14
CA LYS A 36 -19.44 8.41 -8.51
C LYS A 36 -18.33 9.41 -8.20
N ASP A 37 -17.21 8.91 -7.66
CA ASP A 37 -16.10 9.78 -7.28
C ASP A 37 -15.20 10.12 -8.47
N CYS A 38 -15.14 9.24 -9.48
CA CYS A 38 -14.30 9.42 -10.66
CA CYS A 38 -14.31 9.42 -10.66
C CYS A 38 -15.16 9.15 -11.90
N PRO A 39 -15.92 10.16 -12.36
CA PRO A 39 -16.93 9.90 -13.42
C PRO A 39 -16.37 9.38 -14.75
N SER A 40 -15.09 9.63 -15.04
CA SER A 40 -14.51 9.10 -16.26
C SER A 40 -14.12 7.64 -16.12
N GLY A 41 -14.07 7.13 -14.88
CA GLY A 41 -13.60 5.80 -14.61
C GLY A 41 -12.10 5.65 -14.53
N GLN A 42 -11.36 6.76 -14.41
CA GLN A 42 -9.91 6.72 -14.39
C GLN A 42 -9.41 7.70 -13.33
N LEU A 43 -8.79 7.18 -12.27
CA LEU A 43 -8.27 8.00 -11.17
C LEU A 43 -6.81 8.36 -11.45
N ASP A 44 -6.50 9.64 -11.42
CA ASP A 44 -5.15 10.11 -11.69
C ASP A 44 -4.39 10.37 -10.39
N ALA A 45 -3.10 10.73 -10.52
CA ALA A 45 -2.23 10.85 -9.36
C ALA A 45 -2.64 12.01 -8.47
N ALA A 46 -3.11 13.13 -9.06
CA ALA A 46 -3.53 14.26 -8.25
C ALA A 46 -4.76 13.91 -7.42
N GLY A 47 -5.70 13.17 -8.01
CA GLY A 47 -6.85 12.74 -7.26
C GLY A 47 -6.51 11.71 -6.20
N PHE A 48 -5.50 10.87 -6.48
CA PHE A 48 -5.04 9.89 -5.49
C PHE A 48 -4.40 10.57 -4.28
N GLN A 49 -3.52 11.55 -4.51
CA GLN A 49 -2.97 12.34 -3.42
C GLN A 49 -4.02 13.20 -2.70
N LYS A 50 -5.06 13.63 -3.41
CA LYS A 50 -6.10 14.42 -2.74
C LYS A 50 -6.75 13.57 -1.65
N ILE A 51 -6.95 12.29 -1.92
CA ILE A 51 -7.53 11.39 -0.93
C ILE A 51 -6.70 11.39 0.36
N TYR A 52 -5.36 11.29 0.22
CA TYR A 52 -4.49 11.18 1.39
C TYR A 52 -4.36 12.51 2.11
N LYS A 53 -4.39 13.62 1.37
CA LYS A 53 -4.31 14.93 2.02
C LYS A 53 -5.55 15.15 2.87
N GLN A 54 -6.72 14.69 2.41
CA GLN A 54 -7.93 14.69 3.21
C GLN A 54 -7.81 13.84 4.47
N PHE A 55 -7.08 12.74 4.42
CA PHE A 55 -6.86 11.97 5.65
C PHE A 55 -5.95 12.74 6.59
N PHE A 56 -4.84 13.26 6.07
CA PHE A 56 -3.75 13.82 6.87
C PHE A 56 -3.46 15.23 6.35
N PRO A 57 -4.37 16.16 6.60
CA PRO A 57 -4.24 17.51 6.01
C PRO A 57 -3.01 18.30 6.49
N PHE A 58 -2.27 17.85 7.52
CA PHE A 58 -1.08 18.56 7.96
C PHE A 58 0.18 17.69 7.95
N GLY A 59 0.10 16.49 7.38
CA GLY A 59 1.27 15.78 6.90
C GLY A 59 1.50 16.09 5.42
N ASP A 60 2.51 15.44 4.86
CA ASP A 60 2.81 15.60 3.44
C ASP A 60 2.67 14.20 2.82
N PRO A 61 1.54 13.90 2.16
CA PRO A 61 1.37 12.56 1.58
C PRO A 61 1.96 12.40 0.19
N THR A 62 2.66 13.42 -0.31
CA THR A 62 3.18 13.38 -1.69
C THR A 62 3.90 12.07 -1.95
N LYS A 63 4.88 11.73 -1.12
CA LYS A 63 5.75 10.59 -1.41
C LYS A 63 4.98 9.27 -1.31
N PHE A 64 4.24 9.04 -0.22
CA PHE A 64 3.52 7.78 -0.07
C PHE A 64 2.51 7.56 -1.19
N ALA A 65 1.71 8.59 -1.49
CA ALA A 65 0.70 8.49 -2.54
C ALA A 65 1.35 8.13 -3.87
N THR A 66 2.49 8.74 -4.18
CA THR A 66 3.16 8.46 -5.45
C THR A 66 3.64 7.01 -5.51
N PHE A 67 4.28 6.53 -4.43
CA PHE A 67 4.80 5.17 -4.42
C PHE A 67 3.66 4.17 -4.59
N VAL A 68 2.57 4.34 -3.83
CA VAL A 68 1.44 3.40 -3.91
C VAL A 68 0.73 3.55 -5.27
N PHE A 69 0.54 4.79 -5.73
CA PHE A 69 -0.10 4.98 -7.04
C PHE A 69 0.63 4.20 -8.12
N ASN A 70 1.98 4.26 -8.12
CA ASN A 70 2.71 3.65 -9.22
C ASN A 70 2.59 2.12 -9.19
N VAL A 71 2.45 1.54 -8.00
CA VAL A 71 2.21 0.10 -7.86
C VAL A 71 0.80 -0.26 -8.31
N PHE A 72 -0.19 0.55 -7.90
CA PHE A 72 -1.58 0.31 -8.32
C PHE A 72 -1.75 0.40 -9.85
N ASP A 73 -0.98 1.27 -10.49
CA ASP A 73 -1.06 1.52 -11.94
C ASP A 73 -0.28 0.44 -12.67
N GLU A 74 -0.92 -0.73 -12.77
CA GLU A 74 -0.26 -1.93 -13.26
C GLU A 74 0.25 -1.77 -14.68
N ASN A 75 -0.51 -1.10 -15.55
CA ASN A 75 -0.04 -0.93 -16.92
C ASN A 75 0.70 0.38 -17.14
N LYS A 76 0.99 1.12 -16.07
CA LYS A 76 1.83 2.30 -16.15
C LYS A 76 1.36 3.26 -17.24
N ASP A 77 0.05 3.49 -17.31
CA ASP A 77 -0.48 4.48 -18.25
C ASP A 77 -0.83 5.77 -17.53
N GLY A 78 -0.48 5.91 -16.25
CA GLY A 78 -0.69 7.14 -15.51
C GLY A 78 -2.06 7.27 -14.87
N ARG A 79 -2.87 6.23 -14.91
CA ARG A 79 -4.25 6.24 -14.47
C ARG A 79 -4.58 4.95 -13.74
N ILE A 80 -5.42 5.02 -12.71
CA ILE A 80 -5.94 3.80 -12.09
C ILE A 80 -7.35 3.61 -12.65
N GLU A 81 -7.54 2.52 -13.40
CA GLU A 81 -8.82 2.13 -13.99
C GLU A 81 -9.45 1.18 -13.00
N PHE A 82 -10.73 0.90 -13.25
CA PHE A 82 -11.48 0.14 -12.25
C PHE A 82 -10.85 -1.27 -12.07
N SER A 83 -10.45 -1.93 -13.15
CA SER A 83 -9.83 -3.24 -13.00
CA SER A 83 -9.82 -3.24 -12.99
C SER A 83 -8.65 -3.19 -12.04
N GLU A 84 -7.80 -2.18 -12.20
CA GLU A 84 -6.68 -1.96 -11.28
C GLU A 84 -7.20 -1.63 -9.88
N PHE A 85 -8.19 -0.73 -9.80
CA PHE A 85 -8.73 -0.33 -8.50
C PHE A 85 -9.17 -1.54 -7.68
N ILE A 86 -9.96 -2.43 -8.30
CA ILE A 86 -10.64 -3.49 -7.54
C ILE A 86 -9.65 -4.63 -7.21
N GLN A 87 -8.72 -4.93 -8.10
CA GLN A 87 -7.72 -5.95 -7.81
C GLN A 87 -6.74 -5.47 -6.75
N ALA A 88 -6.40 -4.18 -6.77
CA ALA A 88 -5.62 -3.61 -5.70
C ALA A 88 -6.37 -3.62 -4.37
N LEU A 89 -7.66 -3.26 -4.36
CA LEU A 89 -8.40 -3.28 -3.12
C LEU A 89 -8.57 -4.72 -2.58
N SER A 90 -8.81 -5.67 -3.48
CA SER A 90 -8.96 -7.07 -3.09
C SER A 90 -7.72 -7.56 -2.35
N VAL A 91 -6.52 -7.35 -2.90
CA VAL A 91 -5.35 -7.90 -2.22
C VAL A 91 -5.06 -7.16 -0.93
N THR A 92 -5.03 -5.82 -0.99
CA THR A 92 -4.59 -5.07 0.19
C THR A 92 -5.62 -5.19 1.32
N SER A 93 -6.91 -5.31 1.03
CA SER A 93 -7.93 -5.43 2.07
CA SER A 93 -7.93 -5.43 2.08
C SER A 93 -8.25 -6.86 2.44
N ARG A 94 -8.30 -7.79 1.48
CA ARG A 94 -8.82 -9.12 1.77
C ARG A 94 -7.81 -10.24 1.56
N GLY A 95 -6.60 -9.95 1.15
CA GLY A 95 -5.64 -10.99 0.94
C GLY A 95 -5.26 -11.74 2.20
N THR A 96 -4.67 -12.90 2.01
CA THR A 96 -4.00 -13.58 3.12
C THR A 96 -2.79 -12.76 3.56
N LEU A 97 -2.19 -13.12 4.69
CA LEU A 97 -1.00 -12.40 5.13
C LEU A 97 0.10 -12.51 4.09
N ASP A 98 0.32 -13.73 3.56
CA ASP A 98 1.38 -13.88 2.56
C ASP A 98 1.07 -13.02 1.32
N GLU A 99 -0.20 -12.97 0.91
CA GLU A 99 -0.54 -12.16 -0.27
C GLU A 99 -0.39 -10.66 0.00
N LYS A 100 -0.81 -10.20 1.18
CA LYS A 100 -0.62 -8.79 1.52
C LYS A 100 0.86 -8.44 1.56
N LEU A 101 1.71 -9.34 2.05
CA LEU A 101 3.14 -9.03 2.12
C LEU A 101 3.81 -9.13 0.76
N ARG A 102 3.33 -10.01 -0.11
CA ARG A 102 3.82 -10.03 -1.48
C ARG A 102 3.50 -8.71 -2.18
N TRP A 103 2.29 -8.15 -1.92
CA TRP A 103 1.94 -6.83 -2.46
C TRP A 103 2.88 -5.77 -1.90
N ALA A 104 3.11 -5.79 -0.60
CA ALA A 104 4.00 -4.82 0.04
C ALA A 104 5.43 -4.94 -0.47
N PHE A 105 5.86 -6.16 -0.83
CA PHE A 105 7.20 -6.33 -1.38
C PHE A 105 7.32 -5.58 -2.69
N LYS A 106 6.28 -5.65 -3.55
CA LYS A 106 6.26 -4.89 -4.80
C LYS A 106 6.38 -3.38 -4.54
N LEU A 107 5.72 -2.87 -3.49
CA LEU A 107 5.85 -1.46 -3.10
C LEU A 107 7.26 -1.12 -2.63
N TYR A 108 7.79 -1.92 -1.70
CA TYR A 108 9.09 -1.61 -1.14
C TYR A 108 10.21 -1.74 -2.16
N ASP A 109 10.07 -2.67 -3.11
CA ASP A 109 11.16 -2.93 -4.05
C ASP A 109 11.07 -1.85 -5.12
N LEU A 110 11.50 -0.65 -4.75
CA LEU A 110 11.22 0.51 -5.58
C LEU A 110 11.93 0.47 -6.92
N ASP A 111 13.09 -0.17 -7.02
CA ASP A 111 13.75 -0.20 -8.32
C ASP A 111 13.49 -1.53 -9.05
N ASN A 112 12.61 -2.37 -8.53
CA ASN A 112 12.19 -3.60 -9.19
CA ASN A 112 12.19 -3.59 -9.21
C ASN A 112 13.38 -4.48 -9.61
N ASP A 113 14.36 -4.58 -8.74
CA ASP A 113 15.49 -5.50 -8.92
C ASP A 113 15.31 -6.80 -8.12
N GLY A 114 14.15 -7.01 -7.48
CA GLY A 114 13.88 -8.27 -6.80
C GLY A 114 14.30 -8.31 -5.35
N TYR A 115 14.93 -7.26 -4.85
CA TYR A 115 15.34 -7.20 -3.44
C TYR A 115 14.89 -5.88 -2.85
N ILE A 116 14.69 -5.89 -1.53
CA ILE A 116 14.51 -4.66 -0.76
C ILE A 116 15.85 -4.28 -0.12
N THR A 117 16.40 -3.13 -0.49
CA THR A 117 17.57 -2.61 0.21
C THR A 117 17.15 -1.60 1.27
N ARG A 118 18.05 -1.38 2.23
CA ARG A 118 17.73 -0.57 3.41
C ARG A 118 17.30 0.84 3.04
N ASN A 119 17.87 1.43 1.97
CA ASN A 119 17.46 2.75 1.51
C ASN A 119 16.01 2.70 1.03
N GLU A 120 15.62 1.59 0.41
CA GLU A 120 14.25 1.44 -0.04
C GLU A 120 13.30 1.29 1.13
N MET A 121 13.67 0.47 2.12
CA MET A 121 12.82 0.39 3.30
C MET A 121 12.71 1.75 3.97
N LEU A 122 13.80 2.50 4.04
CA LEU A 122 13.74 3.84 4.64
C LEU A 122 12.86 4.79 3.81
N ASP A 123 12.87 4.66 2.47
CA ASP A 123 12.06 5.57 1.65
C ASP A 123 10.57 5.37 1.94
N ILE A 124 10.16 4.10 2.10
CA ILE A 124 8.75 3.84 2.38
C ILE A 124 8.38 4.29 3.79
N VAL A 125 9.17 3.89 4.80
CA VAL A 125 8.89 4.28 6.17
C VAL A 125 8.87 5.80 6.32
N ASP A 126 9.88 6.49 5.76
CA ASP A 126 9.89 7.95 5.79
C ASP A 126 8.64 8.52 5.11
N ALA A 127 8.24 7.95 3.99
CA ALA A 127 7.03 8.40 3.32
C ALA A 127 5.84 8.30 4.26
N ILE A 128 5.76 7.18 4.98
CA ILE A 128 4.67 6.98 5.93
C ILE A 128 4.70 8.05 7.02
N TYR A 129 5.86 8.23 7.68
CA TYR A 129 5.90 9.20 8.78
C TYR A 129 5.67 10.61 8.24
N GLN A 130 6.11 10.88 7.02
CA GLN A 130 5.87 12.20 6.43
C GLN A 130 4.39 12.51 6.33
N MET A 131 3.58 11.50 6.04
CA MET A 131 2.14 11.65 5.85
C MET A 131 1.37 11.66 7.17
N VAL A 132 1.65 10.69 8.06
CA VAL A 132 0.85 10.48 9.26
C VAL A 132 1.53 11.00 10.53
N GLY A 133 2.84 11.23 10.52
CA GLY A 133 3.54 11.75 11.67
C GLY A 133 4.25 10.67 12.47
N ASN A 134 4.96 11.13 13.52
CA ASN A 134 5.70 10.25 14.41
C ASN A 134 5.29 10.42 15.87
N THR A 135 5.58 9.38 16.66
CA THR A 135 5.22 9.38 18.07
C THR A 135 6.20 10.26 18.84
N VAL A 136 5.66 11.31 19.47
CA VAL A 136 6.47 12.24 20.25
C VAL A 136 7.22 11.52 21.34
N GLU A 137 8.52 11.77 21.41
CA GLU A 137 9.40 11.00 22.28
C GLU A 137 10.44 11.92 22.90
N LEU A 138 11.21 11.36 23.84
CA LEU A 138 12.34 12.06 24.43
C LEU A 138 13.37 12.26 23.34
N PRO A 139 14.08 13.41 23.32
CA PRO A 139 15.13 13.59 22.31
C PRO A 139 16.20 12.49 22.32
N GLU A 140 16.37 11.77 23.44
CA GLU A 140 17.34 10.67 23.52
C GLU A 140 16.77 9.35 23.00
N GLU A 141 15.46 9.23 22.87
CA GLU A 141 14.80 8.05 22.33
C GLU A 141 13.95 8.39 21.11
N GLU A 142 14.49 9.19 20.22
CA GLU A 142 13.67 9.72 19.13
C GLU A 142 13.24 8.60 18.19
N ASN A 143 11.96 8.63 17.81
CA ASN A 143 11.41 7.69 16.83
C ASN A 143 11.78 8.12 15.42
N THR A 144 13.09 7.89 15.05
CA THR A 144 13.53 8.22 13.70
C THR A 144 13.36 7.02 12.77
N PRO A 145 12.81 7.18 11.58
CA PRO A 145 12.75 6.04 10.64
C PRO A 145 14.05 5.29 10.53
N GLU A 146 15.17 6.02 10.57
CA GLU A 146 16.46 5.40 10.36
C GLU A 146 16.73 4.29 11.38
N LYS A 147 16.53 4.58 12.67
CA LYS A 147 16.83 3.61 13.70
C LYS A 147 15.80 2.49 13.74
N ARG A 148 14.54 2.82 13.46
CA ARG A 148 13.53 1.77 13.27
C ARG A 148 13.90 0.85 12.11
N VAL A 149 14.26 1.42 10.95
CA VAL A 149 14.64 0.60 9.81
C VAL A 149 15.89 -0.20 10.14
N ASP A 150 16.84 0.38 10.88
CA ASP A 150 18.08 -0.35 11.15
C ASP A 150 17.76 -1.63 11.89
N ARG A 151 16.88 -1.53 12.88
CA ARG A 151 16.45 -2.69 13.65
C ARG A 151 15.76 -3.72 12.78
N ILE A 152 14.68 -3.31 12.11
CA ILE A 152 13.87 -4.28 11.38
C ILE A 152 14.69 -4.88 10.25
N PHE A 153 15.40 -4.02 9.49
CA PHE A 153 16.15 -4.51 8.35
C PHE A 153 17.13 -5.57 8.80
N ALA A 154 17.83 -5.30 9.91
CA ALA A 154 18.84 -6.26 10.39
C ALA A 154 18.18 -7.55 10.84
N MET A 155 17.01 -7.45 11.50
CA MET A 155 16.34 -8.66 11.92
C MET A 155 15.90 -9.51 10.73
N MET A 156 15.48 -8.88 9.64
CA MET A 156 14.96 -9.71 8.54
C MET A 156 16.07 -10.25 7.65
N ASP A 157 17.21 -9.55 7.58
CA ASP A 157 18.33 -9.97 6.74
C ASP A 157 19.08 -11.10 7.42
N LYS A 158 18.45 -12.29 7.42
CA LYS A 158 19.02 -13.44 8.11
CA LYS A 158 19.02 -13.43 8.12
C LYS A 158 20.41 -13.79 7.60
N ASN A 159 20.66 -13.60 6.29
CA ASN A 159 22.01 -13.91 5.79
C ASN A 159 22.91 -12.69 5.70
N ALA A 160 22.45 -11.53 6.19
CA ALA A 160 23.23 -10.28 6.33
C ALA A 160 24.00 -9.87 5.07
N ASP A 161 23.33 -9.94 3.92
CA ASP A 161 23.95 -9.56 2.66
C ASP A 161 23.55 -8.15 2.21
N GLY A 162 22.89 -7.38 3.07
CA GLY A 162 22.49 -6.03 2.79
C GLY A 162 21.25 -5.90 1.95
N LYS A 163 20.49 -6.98 1.77
CA LYS A 163 19.36 -6.95 0.86
C LYS A 163 18.33 -8.02 1.25
N LEU A 164 17.05 -7.72 1.06
CA LEU A 164 15.98 -8.63 1.49
C LEU A 164 15.22 -9.25 0.33
N THR A 165 15.14 -10.57 0.34
CA THR A 165 14.31 -11.33 -0.58
C THR A 165 12.86 -11.31 -0.11
N LEU A 166 11.95 -11.72 -1.01
CA LEU A 166 10.55 -11.86 -0.63
C LEU A 166 10.42 -12.84 0.54
N GLN A 167 11.20 -13.90 0.50
CA GLN A 167 11.16 -14.89 1.58
C GLN A 167 11.61 -14.29 2.90
N GLU A 168 12.72 -13.55 2.92
CA GLU A 168 13.17 -12.90 4.15
C GLU A 168 12.10 -11.93 4.69
N PHE A 169 11.45 -11.19 3.79
CA PHE A 169 10.45 -10.19 4.17
C PHE A 169 9.18 -10.84 4.69
N GLN A 170 8.69 -11.88 3.99
CA GLN A 170 7.42 -12.46 4.38
C GLN A 170 7.49 -13.11 5.75
N GLU A 171 8.70 -13.38 6.25
CA GLU A 171 8.83 -14.05 7.55
C GLU A 171 9.01 -13.07 8.70
N GLY A 172 8.78 -11.77 8.45
CA GLY A 172 9.26 -10.74 9.34
C GLY A 172 8.50 -10.62 10.66
N SER A 173 7.17 -10.77 10.63
CA SER A 173 6.36 -10.73 11.84
C SER A 173 5.79 -12.09 12.17
N LYS A 174 6.03 -13.08 11.30
CA LYS A 174 5.50 -14.43 11.46
C LYS A 174 6.27 -15.19 12.52
N ALA A 175 5.55 -15.96 13.35
CA ALA A 175 6.19 -16.57 14.51
C ALA A 175 6.39 -18.06 14.29
N ASP A 176 7.44 -18.58 14.91
CA ASP A 176 8.00 -19.89 14.62
C ASP A 176 8.09 -20.78 15.87
N SER B 3 -1.90 7.16 23.10
CA SER B 3 -2.14 5.87 22.46
C SER B 3 -1.76 5.93 20.98
N VAL B 4 -0.78 5.12 20.59
CA VAL B 4 -0.29 5.03 19.20
C VAL B 4 -1.37 4.42 18.31
N PRO B 5 -1.49 4.84 17.05
CA PRO B 5 -2.33 4.12 16.09
C PRO B 5 -2.00 2.63 16.10
N ARG B 6 -3.02 1.78 16.16
CA ARG B 6 -2.80 0.35 16.40
C ARG B 6 -1.70 -0.19 15.51
N PHE B 7 -1.83 -0.02 14.19
CA PHE B 7 -1.00 -0.77 13.26
C PHE B 7 0.38 -0.20 13.03
N ILE B 8 0.67 1.04 13.43
CA ILE B 8 1.95 1.63 13.06
C ILE B 8 3.11 0.92 13.73
N LYS B 9 2.85 0.05 14.71
CA LYS B 9 3.86 -0.91 15.10
C LYS B 9 4.33 -1.73 13.90
N TYR B 10 3.49 -1.93 12.88
CA TYR B 10 3.88 -2.71 11.71
C TYR B 10 4.58 -1.90 10.61
N THR B 11 4.92 -0.62 10.86
CA THR B 11 5.58 0.21 9.84
C THR B 11 6.96 -0.34 9.55
N GLY B 12 7.21 -0.68 8.29
CA GLY B 12 8.44 -1.29 7.87
C GLY B 12 8.32 -2.78 7.62
N TYR B 13 7.28 -3.41 8.13
CA TYR B 13 7.00 -4.81 7.90
C TYR B 13 6.10 -5.06 6.71
N GLY B 14 5.50 -4.02 6.14
CA GLY B 14 4.59 -4.16 5.03
C GLY B 14 3.13 -3.94 5.39
N ASN B 15 2.72 -4.32 6.60
CA ASN B 15 1.30 -4.31 6.92
C ASN B 15 0.75 -2.89 7.03
N ALA B 16 1.56 -1.96 7.53
CA ALA B 16 1.11 -0.57 7.65
C ALA B 16 0.85 0.02 6.28
N ALA B 17 1.79 -0.11 5.35
CA ALA B 17 1.57 0.38 3.99
C ALA B 17 0.34 -0.24 3.35
N GLY B 18 0.18 -1.57 3.50
CA GLY B 18 -0.99 -2.23 2.96
C GLY B 18 -2.29 -1.67 3.49
N LEU B 19 -2.37 -1.43 4.81
CA LEU B 19 -3.61 -0.91 5.38
C LEU B 19 -3.88 0.51 4.90
N LEU B 20 -2.84 1.34 4.84
CA LEU B 20 -3.04 2.72 4.38
C LEU B 20 -3.45 2.75 2.92
N ALA B 21 -2.80 1.90 2.11
CA ALA B 21 -3.21 1.73 0.71
C ALA B 21 -4.68 1.34 0.59
N ALA B 22 -5.09 0.33 1.37
CA ALA B 22 -6.48 -0.12 1.31
C ALA B 22 -7.44 1.02 1.66
N ARG B 23 -7.08 1.82 2.67
CA ARG B 23 -7.98 2.85 3.15
C ARG B 23 -8.11 3.98 2.14
N GLY B 24 -7.04 4.23 1.38
CA GLY B 24 -7.13 5.24 0.35
C GLY B 24 -8.05 4.80 -0.78
N LEU B 25 -7.93 3.54 -1.19
CA LEU B 25 -8.83 3.01 -2.19
C LEU B 25 -10.29 3.04 -1.70
N MET B 26 -10.53 2.63 -0.46
CA MET B 26 -11.90 2.68 0.07
C MET B 26 -12.45 4.10 0.04
N ALA B 27 -11.64 5.10 0.40
CA ALA B 27 -12.11 6.49 0.32
C ALA B 27 -12.40 6.89 -1.13
N GLY B 28 -11.58 6.40 -2.07
CA GLY B 28 -11.79 6.64 -3.49
C GLY B 28 -13.06 6.02 -4.06
N GLY B 29 -13.66 5.06 -3.36
CA GLY B 29 -14.87 4.44 -3.84
C GLY B 29 -16.10 4.67 -2.98
N ARG B 30 -16.07 5.69 -2.12
CA ARG B 30 -17.21 5.98 -1.24
C ARG B 30 -17.68 7.44 -1.37
#